data_3H2W
#
_entry.id   3H2W
#
_cell.length_a   84.892
_cell.length_b   129.398
_cell.length_c   48.965
_cell.angle_alpha   90.00
_cell.angle_beta   90.00
_cell.angle_gamma   90.00
#
_symmetry.space_group_name_H-M   'P 21 21 2'
#
loop_
_entity.id
_entity.type
_entity.pdbx_description
1 polymer Cellulase
2 branched beta-D-glucopyranose-(1-4)-alpha-D-glucopyranose
3 non-polymer beta-D-glucopyranose
4 non-polymer 'CALCIUM ION'
5 non-polymer 'ZINC ION'
6 non-polymer 'COBALT (II) ION'
7 water water
#
_entity_poly.entity_id   1
_entity_poly.type   'polypeptide(L)'
_entity_poly.pdbx_seq_one_letter_code
;MPSRVPKSIFYNQVGYLISGDKRFWIQAHEPQPFALRTPEGQAVFAGMTKPVGGNWYVGDFTALRVPGTYTLTVGTLEAR
VVIHRRAYRDVLEAMLRFFDYQLCGVVLPEDEAGPWAHGACHTSDAKVFGTERALACPGGWHDAGDYGKYTVPAAKAVAD
LLLAHEYFPAALAHVRPMRSVHRAPHLPPALEVAREEIAWLLTMQDPATGGVYHKVTTPSFPPLDTRPEDDDAPLVLSPI
SYAATATFCAAMAHAALVYRPFDPALSSCCADAARRAYAWLGAHEMQPFHNPDGILTGEYGDAELRDELLWASCALLRMT
GDSAWARVCEPLLDLDLPWELGWADVALYGVMDYLRTPRAAVSDDVRNKVKSRLLRELDALAAMAESHPFGIPMRDDDFI
WGSNMVLLNRAMAFLLAEGVGVLHPAAHTVAQRAADYLFGANPLGQCYVTGFGQRPVRHPHHRPSVADDVDHPVPGMVVG
GPNRHLQDEIARAQLAGRPAMEAYIDHQDSYSTNEVAVYWNSPAVFVIAALLEARGR
;
_entity_poly.pdbx_strand_id   A
#
loop_
_chem_comp.id
_chem_comp.type
_chem_comp.name
_chem_comp.formula
BGC D-saccharide, beta linking beta-D-glucopyranose 'C6 H12 O6'
CA non-polymer 'CALCIUM ION' 'Ca 2'
CO non-polymer 'COBALT (II) ION' 'Co 2'
GLC D-saccharide, alpha linking alpha-D-glucopyranose 'C6 H12 O6'
ZN non-polymer 'ZINC ION' 'Zn 2'
#
# COMPACT_ATOMS: atom_id res chain seq x y z
N LYS A 7 0.37 31.57 -3.73
CA LYS A 7 -0.89 31.33 -2.95
C LYS A 7 -1.93 30.69 -3.88
N SER A 8 -2.55 29.59 -3.42
CA SER A 8 -3.47 28.80 -4.27
C SER A 8 -4.43 27.90 -3.51
N ILE A 9 -5.41 27.39 -4.24
CA ILE A 9 -6.39 26.46 -3.71
C ILE A 9 -5.78 25.08 -3.73
N PHE A 10 -5.97 24.32 -2.67
CA PHE A 10 -5.45 22.94 -2.57
C PHE A 10 -6.65 22.01 -2.56
N TYR A 11 -6.59 20.95 -3.36
CA TYR A 11 -7.79 20.16 -3.65
C TYR A 11 -7.44 18.75 -4.18
N ASN A 12 -8.47 17.92 -4.35
CA ASN A 12 -8.31 16.59 -4.88
C ASN A 12 -8.18 16.76 -6.36
N GLN A 13 -6.95 16.62 -6.84
CA GLN A 13 -6.62 16.90 -8.23
C GLN A 13 -7.02 15.80 -9.18
N VAL A 14 -7.35 14.61 -8.69
CA VAL A 14 -7.90 13.54 -9.54
C VAL A 14 -9.38 13.82 -9.79
N GLY A 15 -10.11 14.12 -8.72
CA GLY A 15 -11.54 14.46 -8.86
C GLY A 15 -12.39 14.05 -7.68
N TYR A 16 -13.70 14.16 -7.80
CA TYR A 16 -14.63 13.76 -6.73
C TYR A 16 -15.74 12.85 -7.23
N LEU A 17 -16.18 11.95 -6.37
CA LEU A 17 -17.32 11.10 -6.66
C LEU A 17 -18.57 11.97 -6.66
N ILE A 18 -19.44 11.78 -7.65
CA ILE A 18 -20.76 12.42 -7.68
C ILE A 18 -21.40 12.51 -6.30
N SER A 19 -21.64 11.34 -5.69
CA SER A 19 -22.38 11.24 -4.44
C SER A 19 -21.45 11.31 -3.23
N GLY A 20 -20.18 11.61 -3.47
CA GLY A 20 -19.18 11.65 -2.42
C GLY A 20 -18.95 13.03 -1.80
N ASP A 21 -17.98 13.05 -0.88
CA ASP A 21 -17.67 14.23 -0.09
C ASP A 21 -16.68 15.10 -0.84
N LYS A 22 -17.02 16.37 -0.96
CA LYS A 22 -16.21 17.31 -1.75
C LYS A 22 -15.72 18.46 -0.89
N ARG A 23 -14.39 18.62 -0.85
CA ARG A 23 -13.78 19.69 -0.07
C ARG A 23 -12.58 20.36 -0.77
N PHE A 24 -12.38 21.64 -0.54
CA PHE A 24 -11.12 22.25 -0.93
C PHE A 24 -10.58 23.04 0.25
N TRP A 25 -9.33 23.49 0.13
CA TRP A 25 -8.64 24.24 1.17
C TRP A 25 -7.98 25.48 0.58
N ILE A 26 -7.82 26.51 1.40
CA ILE A 26 -6.99 27.67 1.11
C ILE A 26 -6.45 28.20 2.43
N GLN A 27 -5.27 28.82 2.39
CA GLN A 27 -4.83 29.62 3.54
C GLN A 27 -5.60 30.92 3.50
N ALA A 28 -6.24 31.25 4.61
CA ALA A 28 -7.03 32.48 4.73
C ALA A 28 -6.87 32.96 6.15
N HIS A 29 -7.43 34.12 6.46
CA HIS A 29 -7.50 34.53 7.87
C HIS A 29 -8.95 34.87 8.24
N GLU A 30 -9.89 34.54 7.35
CA GLU A 30 -11.33 34.80 7.56
C GLU A 30 -12.19 34.03 6.56
N PRO A 31 -13.49 33.89 6.86
CA PRO A 31 -14.37 33.36 5.84
C PRO A 31 -14.30 34.15 4.54
N GLN A 32 -14.43 33.44 3.42
CA GLN A 32 -14.53 34.02 2.08
C GLN A 32 -15.64 33.26 1.41
N PRO A 33 -16.39 33.94 0.53
CA PRO A 33 -17.37 33.16 -0.24
C PRO A 33 -16.67 32.48 -1.40
N PHE A 34 -17.29 31.43 -1.95
CA PHE A 34 -16.75 30.74 -3.11
C PHE A 34 -17.88 30.28 -4.00
N ALA A 35 -17.60 30.07 -5.27
CA ALA A 35 -18.56 29.44 -6.17
C ALA A 35 -17.88 28.48 -7.11
N LEU A 36 -18.68 27.61 -7.68
CA LEU A 36 -18.24 26.71 -8.71
C LEU A 36 -19.13 26.97 -9.91
N ARG A 37 -18.52 27.14 -11.08
CA ARG A 37 -19.30 27.35 -12.30
C ARG A 37 -18.94 26.33 -13.35
N THR A 38 -19.89 26.10 -14.26
CA THR A 38 -19.67 25.29 -15.47
C THR A 38 -18.47 25.87 -16.22
N PRO A 39 -17.85 25.07 -17.10
CA PRO A 39 -16.55 25.56 -17.55
C PRO A 39 -16.71 26.88 -18.32
N GLU A 40 -17.82 26.99 -19.04
CA GLU A 40 -18.15 28.16 -19.84
C GLU A 40 -19.15 29.10 -19.13
N GLY A 41 -18.89 29.38 -17.84
CA GLY A 41 -19.56 30.48 -17.12
C GLY A 41 -20.46 30.28 -15.89
N GLN A 42 -21.63 29.63 -16.08
CA GLN A 42 -22.81 29.76 -15.16
C GLN A 42 -22.62 29.11 -13.77
N ALA A 43 -22.63 29.94 -12.72
CA ALA A 43 -22.53 29.50 -11.31
C ALA A 43 -23.55 28.40 -10.99
N VAL A 44 -23.08 27.35 -10.32
CA VAL A 44 -23.93 26.21 -9.95
C VAL A 44 -24.07 26.05 -8.44
N PHE A 45 -23.10 26.56 -7.67
CA PHE A 45 -23.07 26.35 -6.21
C PHE A 45 -22.26 27.46 -5.53
N ALA A 46 -22.79 27.98 -4.41
CA ALA A 46 -22.02 28.91 -3.56
C ALA A 46 -22.14 28.52 -2.09
N GLY A 47 -21.08 28.83 -1.34
CA GLY A 47 -21.04 28.62 0.11
C GLY A 47 -19.93 29.47 0.68
N MET A 48 -19.68 29.31 1.98
CA MET A 48 -18.68 30.11 2.68
C MET A 48 -17.60 29.19 3.24
N THR A 49 -16.34 29.60 3.09
CA THR A 49 -15.25 28.83 3.71
C THR A 49 -15.44 28.91 5.21
N LYS A 50 -14.82 27.99 5.95
CA LYS A 50 -14.88 28.02 7.41
C LYS A 50 -13.54 27.56 7.98
N PRO A 51 -13.15 28.10 9.15
CA PRO A 51 -11.82 27.80 9.70
C PRO A 51 -11.69 26.33 10.14
N VAL A 52 -10.55 25.68 9.89
CA VAL A 52 -10.35 24.30 10.36
C VAL A 52 -9.07 24.08 11.14
N GLY A 53 -8.30 25.14 11.43
CA GLY A 53 -7.10 25.01 12.24
C GLY A 53 -5.89 25.65 11.63
N GLY A 54 -4.93 26.03 12.47
CA GLY A 54 -3.77 26.83 12.06
C GLY A 54 -4.22 27.96 11.13
N ASN A 55 -3.85 27.83 9.86
CA ASN A 55 -4.09 28.82 8.80
C ASN A 55 -5.25 28.44 7.87
N TRP A 56 -5.85 27.29 8.09
CA TRP A 56 -6.58 26.67 7.02
C TRP A 56 -8.07 26.91 7.10
N TYR A 57 -8.60 27.33 5.95
CA TYR A 57 -10.03 27.36 5.70
C TYR A 57 -10.37 26.30 4.68
N VAL A 58 -11.50 25.61 4.89
CA VAL A 58 -12.03 24.64 3.95
C VAL A 58 -13.32 25.17 3.42
N GLY A 59 -13.69 24.70 2.23
CA GLY A 59 -15.01 24.95 1.66
C GLY A 59 -15.55 23.63 1.18
N ASP A 60 -16.78 23.34 1.54
CA ASP A 60 -17.41 22.08 1.24
C ASP A 60 -18.45 22.27 0.16
N PHE A 61 -18.45 21.40 -0.84
CA PHE A 61 -19.48 21.45 -1.86
C PHE A 61 -20.09 20.05 -2.13
N THR A 62 -20.08 19.17 -1.13
CA THR A 62 -20.67 17.83 -1.26
C THR A 62 -22.02 17.83 -1.97
N ALA A 63 -22.78 18.92 -1.79
CA ALA A 63 -24.16 18.97 -2.27
C ALA A 63 -24.26 19.07 -3.79
N LEU A 64 -23.15 19.35 -4.46
CA LEU A 64 -23.13 19.36 -5.94
C LEU A 64 -22.99 17.92 -6.48
N ARG A 65 -24.09 17.39 -7.02
CA ARG A 65 -24.17 16.02 -7.50
C ARG A 65 -24.24 15.93 -9.03
N VAL A 66 -24.11 17.05 -9.74
CA VAL A 66 -24.11 17.02 -11.22
C VAL A 66 -22.69 16.87 -11.74
N PRO A 67 -22.40 15.81 -12.49
CA PRO A 67 -21.03 15.62 -13.02
C PRO A 67 -20.56 16.77 -13.88
N GLY A 68 -19.25 16.98 -13.93
CA GLY A 68 -18.65 17.93 -14.85
C GLY A 68 -17.26 18.34 -14.42
N THR A 69 -16.59 19.08 -15.30
CA THR A 69 -15.45 19.90 -14.94
C THR A 69 -15.98 21.29 -14.57
N TYR A 70 -15.68 21.75 -13.37
CA TYR A 70 -16.12 23.07 -12.90
C TYR A 70 -14.93 23.98 -12.57
N THR A 71 -15.13 25.28 -12.65
CA THR A 71 -14.12 26.24 -12.20
C THR A 71 -14.55 26.73 -10.82
N LEU A 72 -13.61 26.66 -9.90
CA LEU A 72 -13.86 26.98 -8.51
C LEU A 72 -13.17 28.28 -8.25
N THR A 73 -13.92 29.29 -7.82
CA THR A 73 -13.32 30.57 -7.52
C THR A 73 -13.53 30.93 -6.07
N VAL A 74 -12.45 31.39 -5.45
CA VAL A 74 -12.49 31.91 -4.09
C VAL A 74 -11.48 33.06 -4.05
N GLY A 75 -11.93 34.23 -3.56
CA GLY A 75 -11.13 35.44 -3.62
C GLY A 75 -10.81 35.71 -5.07
N THR A 76 -9.51 35.76 -5.40
CA THR A 76 -9.06 35.97 -6.78
C THR A 76 -8.40 34.70 -7.35
N LEU A 77 -8.61 33.56 -6.69
CA LEU A 77 -7.96 32.29 -7.08
C LEU A 77 -8.96 31.35 -7.76
N GLU A 78 -8.43 30.46 -8.60
CA GLU A 78 -9.22 29.55 -9.43
C GLU A 78 -8.60 28.17 -9.51
N ALA A 79 -9.45 27.16 -9.38
CA ALA A 79 -9.02 25.79 -9.61
C ALA A 79 -10.01 25.10 -10.53
N ARG A 80 -9.53 24.12 -11.28
CA ARG A 80 -10.36 23.27 -12.08
C ARG A 80 -10.59 21.98 -11.31
N VAL A 81 -11.86 21.74 -10.98
CA VAL A 81 -12.28 20.62 -10.17
C VAL A 81 -13.19 19.73 -10.98
N VAL A 82 -13.03 18.41 -10.86
CA VAL A 82 -13.83 17.47 -11.64
C VAL A 82 -14.73 16.59 -10.76
N ILE A 83 -16.01 16.49 -11.13
CA ILE A 83 -16.96 15.53 -10.53
C ILE A 83 -17.35 14.48 -11.57
N HIS A 84 -17.27 13.22 -11.17
CA HIS A 84 -17.60 12.10 -12.06
C HIS A 84 -18.10 10.88 -11.23
N ARG A 85 -19.00 10.10 -11.84
CA ARG A 85 -19.60 8.90 -11.23
C ARG A 85 -18.53 7.96 -10.66
N ARG A 86 -17.45 7.74 -11.42
CA ARG A 86 -16.31 6.98 -10.97
C ARG A 86 -15.03 7.77 -11.25
N ALA A 87 -14.79 8.83 -10.49
CA ALA A 87 -13.62 9.69 -10.71
C ALA A 87 -12.26 8.97 -10.62
N TYR A 88 -12.19 7.92 -9.81
CA TYR A 88 -10.93 7.26 -9.50
C TYR A 88 -10.65 5.97 -10.25
N ARG A 89 -11.55 5.57 -11.14
CA ARG A 89 -11.41 4.30 -11.87
C ARG A 89 -10.04 4.25 -12.55
N ASP A 90 -9.69 5.34 -13.22
CA ASP A 90 -8.41 5.46 -13.91
C ASP A 90 -7.21 5.31 -12.98
N VAL A 91 -7.16 6.09 -11.91
CA VAL A 91 -6.02 6.07 -11.01
C VAL A 91 -5.90 4.71 -10.35
N LEU A 92 -7.04 4.11 -10.03
CA LEU A 92 -7.07 2.80 -9.39
C LEU A 92 -6.47 1.77 -10.34
N GLU A 93 -6.85 1.88 -11.61
CA GLU A 93 -6.30 1.02 -12.64
C GLU A 93 -4.81 1.22 -12.75
N ALA A 94 -4.37 2.47 -12.72
CA ALA A 94 -2.95 2.74 -12.77
C ALA A 94 -2.24 2.09 -11.58
N MET A 95 -2.84 2.22 -10.39
CA MET A 95 -2.21 1.78 -9.15
C MET A 95 -2.09 0.30 -9.11
N LEU A 96 -3.06 -0.40 -9.71
CA LEU A 96 -2.97 -1.84 -9.87
C LEU A 96 -1.91 -2.21 -10.91
N ARG A 97 -1.90 -1.52 -12.03
CA ARG A 97 -0.94 -1.82 -13.11
C ARG A 97 0.51 -1.60 -12.72
N PHE A 98 0.74 -0.79 -11.70
CA PHE A 98 2.08 -0.59 -11.18
C PHE A 98 2.71 -1.94 -10.78
N PHE A 99 1.91 -2.84 -10.25
CA PHE A 99 2.43 -4.15 -9.86
C PHE A 99 2.91 -4.90 -11.08
N ASP A 100 2.16 -4.78 -12.18
CA ASP A 100 2.60 -5.36 -13.43
C ASP A 100 3.86 -4.69 -13.98
N TYR A 101 3.99 -3.36 -13.80
CA TYR A 101 5.25 -2.65 -14.15
C TYR A 101 6.46 -3.11 -13.32
N GLN A 102 6.21 -3.48 -12.07
CA GLN A 102 7.28 -4.00 -11.20
C GLN A 102 7.67 -5.46 -11.48
N LEU A 103 7.06 -6.11 -12.48
CA LEU A 103 7.33 -7.54 -12.70
C LEU A 103 8.78 -7.81 -13.07
N CYS A 104 9.33 -8.84 -12.43
CA CYS A 104 10.68 -9.32 -12.65
C CYS A 104 10.70 -10.59 -13.53
N GLY A 105 11.59 -10.59 -14.51
CA GLY A 105 11.79 -11.76 -15.38
C GLY A 105 10.67 -12.06 -16.35
N VAL A 106 10.00 -11.03 -16.83
CA VAL A 106 9.00 -11.24 -17.84
C VAL A 106 8.98 -10.04 -18.83
N VAL A 107 9.06 -10.36 -20.11
CA VAL A 107 8.98 -9.35 -21.15
C VAL A 107 7.68 -8.58 -20.90
N LEU A 108 7.80 -7.28 -20.65
CA LEU A 108 6.63 -6.43 -20.55
C LEU A 108 6.48 -5.77 -21.89
N PRO A 109 5.56 -6.29 -22.74
CA PRO A 109 5.43 -5.85 -24.12
C PRO A 109 4.83 -4.46 -24.25
N GLU A 110 5.33 -3.75 -25.25
CA GLU A 110 4.83 -2.43 -25.65
C GLU A 110 3.31 -2.30 -25.71
N ASP A 111 2.62 -3.33 -26.19
CA ASP A 111 1.14 -3.27 -26.27
C ASP A 111 0.48 -3.15 -24.87
N GLU A 112 1.18 -3.60 -23.84
CA GLU A 112 0.70 -3.46 -22.46
C GLU A 112 1.43 -2.38 -21.68
N ALA A 113 2.72 -2.19 -21.95
CA ALA A 113 3.54 -1.28 -21.15
C ALA A 113 3.61 0.13 -21.70
N GLY A 114 3.46 0.29 -23.00
CA GLY A 114 3.59 1.60 -23.61
C GLY A 114 5.05 1.97 -23.55
N PRO A 115 5.36 3.26 -23.36
CA PRO A 115 6.75 3.71 -23.38
C PRO A 115 7.64 3.14 -22.29
N TRP A 116 7.04 2.50 -21.28
CA TRP A 116 7.80 1.93 -20.16
C TRP A 116 7.94 0.44 -20.29
N ALA A 117 7.85 -0.07 -21.51
CA ALA A 117 7.98 -1.51 -21.77
C ALA A 117 9.41 -1.92 -21.62
N HIS A 118 9.66 -3.18 -21.29
CA HIS A 118 11.01 -3.70 -21.29
C HIS A 118 11.06 -5.21 -21.29
N GLY A 119 12.29 -5.72 -21.46
CA GLY A 119 12.54 -7.15 -21.55
C GLY A 119 12.80 -7.76 -20.20
N ALA A 120 12.87 -9.10 -20.18
CA ALA A 120 13.00 -9.87 -18.93
C ALA A 120 14.27 -9.46 -18.24
N CYS A 121 14.20 -9.28 -16.93
CA CYS A 121 15.37 -8.95 -16.15
C CYS A 121 15.61 -10.06 -15.12
N HIS A 122 16.80 -10.07 -14.54
CA HIS A 122 17.15 -10.96 -13.43
C HIS A 122 16.78 -12.42 -13.67
N THR A 123 16.93 -12.90 -14.90
CA THR A 123 16.57 -14.28 -15.27
C THR A 123 17.59 -15.36 -14.83
N SER A 124 18.70 -14.95 -14.26
CA SER A 124 19.68 -15.88 -13.70
C SER A 124 19.24 -16.50 -12.37
N ASP A 125 20.01 -17.47 -11.87
CA ASP A 125 19.77 -18.09 -10.58
C ASP A 125 20.37 -17.29 -9.43
N ALA A 126 19.86 -17.55 -8.24
CA ALA A 126 20.37 -16.92 -7.04
C ALA A 126 21.16 -17.97 -6.28
N LYS A 127 22.25 -17.54 -5.64
CA LYS A 127 23.03 -18.41 -4.76
C LYS A 127 22.56 -18.28 -3.33
N VAL A 128 22.32 -19.40 -2.65
CA VAL A 128 22.07 -19.33 -1.24
C VAL A 128 23.33 -18.81 -0.57
N PHE A 129 23.21 -17.73 0.21
CA PHE A 129 24.34 -17.08 0.84
C PHE A 129 25.25 -18.05 1.54
N GLY A 130 26.56 -17.87 1.33
CA GLY A 130 27.59 -18.80 1.80
C GLY A 130 27.38 -20.26 1.38
N THR A 131 26.97 -20.49 0.13
CA THR A 131 26.86 -21.86 -0.38
C THR A 131 27.16 -21.84 -1.87
N GLU A 132 27.29 -23.03 -2.44
CA GLU A 132 27.40 -23.17 -3.90
C GLU A 132 26.06 -23.60 -4.52
N ARG A 133 24.97 -23.52 -3.77
CA ARG A 133 23.65 -23.85 -4.33
C ARG A 133 23.05 -22.68 -5.13
N ALA A 134 22.57 -23.01 -6.32
CA ALA A 134 21.80 -22.08 -7.12
C ALA A 134 20.33 -22.38 -6.86
N LEU A 135 19.50 -21.39 -7.10
CA LEU A 135 18.08 -21.57 -7.03
C LEU A 135 17.47 -20.56 -7.95
N ALA A 136 16.36 -20.94 -8.56
CA ALA A 136 15.60 -20.08 -9.43
C ALA A 136 14.50 -19.47 -8.57
N CYS A 137 14.49 -18.14 -8.48
CA CYS A 137 13.41 -17.39 -7.85
C CYS A 137 12.90 -16.32 -8.76
N PRO A 138 12.40 -16.74 -9.94
CA PRO A 138 12.04 -15.76 -10.93
C PRO A 138 10.62 -15.28 -10.68
N GLY A 139 10.30 -14.11 -11.23
CA GLY A 139 8.95 -13.59 -11.18
C GLY A 139 8.76 -12.75 -9.95
N GLY A 140 7.53 -12.32 -9.73
CA GLY A 140 7.22 -11.39 -8.67
C GLY A 140 7.61 -9.97 -9.02
N TRP A 141 7.63 -9.13 -8.00
CA TRP A 141 7.78 -7.69 -8.15
C TRP A 141 9.15 -7.18 -7.68
N HIS A 142 9.68 -6.20 -8.39
CA HIS A 142 10.70 -5.37 -7.80
C HIS A 142 10.01 -4.68 -6.64
N ASP A 143 10.66 -4.70 -5.48
CA ASP A 143 10.02 -4.23 -4.27
C ASP A 143 9.70 -2.73 -4.34
N ALA A 144 10.59 -1.94 -4.93
CA ALA A 144 10.44 -0.50 -4.87
C ALA A 144 11.22 0.22 -5.98
N GLY A 145 12.05 1.18 -5.57
CA GLY A 145 12.96 1.87 -6.50
C GLY A 145 14.09 0.99 -6.98
N ASP A 146 14.40 -0.03 -6.20
CA ASP A 146 15.49 -0.97 -6.47
C ASP A 146 14.87 -2.21 -7.10
N TYR A 147 15.70 -3.21 -7.33
CA TYR A 147 15.26 -4.41 -8.01
C TYR A 147 15.29 -5.60 -7.10
N GLY A 148 15.29 -5.38 -5.79
CA GLY A 148 15.22 -6.50 -4.88
C GLY A 148 13.82 -7.07 -4.79
N LYS A 149 13.73 -8.29 -4.31
CA LYS A 149 12.46 -8.91 -3.96
C LYS A 149 12.58 -9.44 -2.53
N TYR A 150 11.80 -8.87 -1.62
CA TYR A 150 11.97 -9.13 -0.21
C TYR A 150 10.67 -9.67 0.34
N THR A 151 10.76 -10.86 0.95
CA THR A 151 9.63 -11.62 1.42
C THR A 151 8.69 -10.84 2.32
N VAL A 152 9.26 -10.19 3.34
CA VAL A 152 8.49 -9.53 4.38
C VAL A 152 7.60 -8.46 3.78
N PRO A 153 8.16 -7.42 3.12
CA PRO A 153 7.28 -6.40 2.54
C PRO A 153 6.34 -6.97 1.48
N ALA A 154 6.76 -8.07 0.85
CA ALA A 154 5.94 -8.73 -0.15
C ALA A 154 4.63 -9.23 0.48
N ALA A 155 4.70 -9.77 1.69
CA ALA A 155 3.50 -10.27 2.35
C ALA A 155 2.41 -9.21 2.51
N LYS A 156 2.79 -8.01 2.91
CA LYS A 156 1.83 -6.93 3.05
C LYS A 156 1.09 -6.66 1.75
N ALA A 157 1.84 -6.63 0.65
CA ALA A 157 1.30 -6.27 -0.65
C ALA A 157 0.30 -7.32 -1.11
N VAL A 158 0.60 -8.58 -0.84
CA VAL A 158 -0.29 -9.65 -1.26
C VAL A 158 -1.52 -9.63 -0.38
N ALA A 159 -1.31 -9.58 0.93
CA ALA A 159 -2.41 -9.45 1.89
C ALA A 159 -3.33 -8.29 1.54
N ASP A 160 -2.74 -7.12 1.30
CA ASP A 160 -3.52 -5.94 0.92
C ASP A 160 -4.39 -6.18 -0.31
N LEU A 161 -3.82 -6.78 -1.36
CA LEU A 161 -4.57 -6.97 -2.60
C LEU A 161 -5.66 -8.05 -2.49
N LEU A 162 -5.38 -9.14 -1.77
CA LEU A 162 -6.40 -10.14 -1.52
C LEU A 162 -7.54 -9.56 -0.68
N LEU A 163 -7.21 -8.77 0.34
CA LEU A 163 -8.24 -8.01 1.06
C LEU A 163 -9.07 -7.11 0.13
N ALA A 164 -8.41 -6.44 -0.81
CA ALA A 164 -9.10 -5.52 -1.73
C ALA A 164 -10.10 -6.31 -2.54
N HIS A 165 -9.70 -7.50 -2.97
CA HIS A 165 -10.61 -8.37 -3.70
C HIS A 165 -11.79 -8.86 -2.85
N GLU A 166 -11.49 -9.37 -1.66
CA GLU A 166 -12.52 -9.85 -0.74
C GLU A 166 -13.56 -8.82 -0.35
N TYR A 167 -13.14 -7.56 -0.27
CA TYR A 167 -14.00 -6.46 0.16
C TYR A 167 -14.65 -5.68 -0.99
N PHE A 168 -13.91 -5.40 -2.06
CA PHE A 168 -14.37 -4.47 -3.15
C PHE A 168 -14.25 -5.06 -4.56
N PRO A 169 -14.76 -6.31 -4.76
CA PRO A 169 -14.58 -6.98 -6.04
C PRO A 169 -15.31 -6.24 -7.17
N ALA A 170 -16.44 -5.62 -6.84
CA ALA A 170 -17.16 -4.79 -7.79
C ALA A 170 -16.29 -3.64 -8.30
N ALA A 171 -15.73 -2.85 -7.39
CA ALA A 171 -14.90 -1.75 -7.83
C ALA A 171 -13.79 -2.31 -8.74
N LEU A 172 -13.11 -3.36 -8.27
CA LEU A 172 -11.94 -3.91 -8.97
C LEU A 172 -12.26 -4.53 -10.36
N ALA A 173 -13.49 -5.03 -10.50
CA ALA A 173 -13.96 -5.63 -11.74
C ALA A 173 -13.81 -4.67 -12.91
N HIS A 174 -14.05 -3.38 -12.67
CA HIS A 174 -14.02 -2.41 -13.76
C HIS A 174 -12.60 -1.92 -14.09
N VAL A 175 -11.55 -2.56 -13.61
CA VAL A 175 -10.19 -2.17 -14.04
C VAL A 175 -9.42 -3.31 -14.69
N ARG A 176 -8.43 -2.93 -15.50
CA ARG A 176 -7.69 -3.89 -16.28
C ARG A 176 -6.20 -3.82 -15.98
N PRO A 177 -5.60 -4.95 -15.56
CA PRO A 177 -4.17 -5.03 -15.40
C PRO A 177 -3.52 -5.22 -16.79
N MET A 178 -2.26 -5.65 -16.85
CA MET A 178 -1.65 -6.00 -18.13
C MET A 178 -2.02 -7.47 -18.49
N ARG A 179 -3.28 -7.68 -18.90
CA ARG A 179 -3.85 -9.02 -19.07
C ARG A 179 -3.02 -10.04 -19.88
N SER A 180 -2.33 -9.58 -20.93
CA SER A 180 -1.58 -10.49 -21.79
C SER A 180 -0.23 -11.03 -21.22
N VAL A 181 0.28 -10.47 -20.13
CA VAL A 181 1.44 -11.07 -19.45
C VAL A 181 1.06 -12.13 -18.40
N HIS A 182 -0.22 -12.36 -18.19
CA HIS A 182 -0.67 -13.31 -17.17
C HIS A 182 -1.30 -14.54 -17.79
N ARG A 183 -1.16 -15.69 -17.15
CA ARG A 183 -1.74 -16.94 -17.65
C ARG A 183 -3.24 -16.86 -17.82
N ALA A 184 -3.76 -17.61 -18.79
CA ALA A 184 -5.18 -17.89 -18.90
C ALA A 184 -5.50 -19.21 -18.15
N PRO A 185 -6.67 -19.30 -17.48
CA PRO A 185 -7.79 -18.34 -17.56
C PRO A 185 -7.52 -17.13 -16.68
N HIS A 186 -8.05 -15.99 -17.09
CA HIS A 186 -7.87 -14.78 -16.34
C HIS A 186 -8.79 -14.70 -15.12
N LEU A 187 -8.20 -14.20 -14.04
CA LEU A 187 -8.84 -14.09 -12.77
C LEU A 187 -9.27 -12.64 -12.64
N PRO A 188 -10.17 -12.36 -11.68
CA PRO A 188 -10.45 -10.99 -11.24
C PRO A 188 -9.17 -10.20 -11.00
N PRO A 189 -9.12 -8.94 -11.49
CA PRO A 189 -7.87 -8.22 -11.61
C PRO A 189 -6.90 -8.30 -10.43
N ALA A 190 -7.41 -8.23 -9.20
CA ALA A 190 -6.52 -8.13 -8.05
C ALA A 190 -5.84 -9.46 -7.88
N LEU A 191 -6.62 -10.53 -7.98
CA LEU A 191 -6.11 -11.87 -7.82
C LEU A 191 -5.14 -12.20 -8.94
N GLU A 192 -5.43 -11.67 -10.13
CA GLU A 192 -4.59 -11.86 -11.32
C GLU A 192 -3.18 -11.27 -11.12
N VAL A 193 -3.13 -10.03 -10.65
CA VAL A 193 -1.86 -9.37 -10.35
C VAL A 193 -1.13 -10.07 -9.20
N ALA A 194 -1.87 -10.30 -8.13
CA ALA A 194 -1.35 -10.93 -6.93
C ALA A 194 -0.70 -12.26 -7.22
N ARG A 195 -1.28 -13.06 -8.11
CA ARG A 195 -0.77 -14.43 -8.32
C ARG A 195 0.74 -14.47 -8.68
N GLU A 196 1.16 -13.46 -9.45
CA GLU A 196 2.55 -13.33 -9.90
C GLU A 196 3.54 -13.35 -8.73
N GLU A 197 3.18 -12.62 -7.67
CA GLU A 197 3.98 -12.50 -6.46
C GLU A 197 3.82 -13.73 -5.58
N ILE A 198 2.62 -14.29 -5.54
CA ILE A 198 2.39 -15.54 -4.81
C ILE A 198 3.25 -16.66 -5.41
N ALA A 199 3.29 -16.71 -6.73
CA ALA A 199 4.13 -17.68 -7.44
C ALA A 199 5.61 -17.51 -7.02
N TRP A 200 6.14 -16.30 -7.16
CA TRP A 200 7.51 -16.05 -6.74
C TRP A 200 7.79 -16.49 -5.30
N LEU A 201 6.91 -16.10 -4.37
CA LEU A 201 7.06 -16.40 -2.95
C LEU A 201 7.17 -17.89 -2.70
N LEU A 202 6.44 -18.68 -3.47
CA LEU A 202 6.48 -20.15 -3.29
C LEU A 202 7.90 -20.69 -3.51
N THR A 203 8.62 -20.06 -4.44
CA THR A 203 9.99 -20.45 -4.74
C THR A 203 10.99 -19.98 -3.70
N MET A 204 10.56 -19.27 -2.66
CA MET A 204 11.50 -18.83 -1.62
C MET A 204 11.53 -19.82 -0.42
N GLN A 205 10.63 -20.79 -0.41
CA GLN A 205 10.58 -21.72 0.71
C GLN A 205 11.60 -22.85 0.47
N ASP A 206 12.49 -23.06 1.43
CA ASP A 206 13.43 -24.18 1.37
C ASP A 206 12.65 -25.51 1.60
N PRO A 207 12.62 -26.41 0.61
CA PRO A 207 11.96 -27.69 0.87
C PRO A 207 12.59 -28.50 2.04
N ALA A 208 13.91 -28.40 2.23
CA ALA A 208 14.61 -29.05 3.36
C ALA A 208 13.89 -28.82 4.70
N THR A 209 13.68 -27.56 5.06
CA THR A 209 13.26 -27.18 6.41
C THR A 209 11.84 -26.59 6.47
N GLY A 210 11.36 -26.02 5.38
CA GLY A 210 10.12 -25.22 5.39
C GLY A 210 10.34 -23.74 5.72
N GLY A 211 11.56 -23.36 6.11
CA GLY A 211 11.92 -21.95 6.30
C GLY A 211 11.92 -21.20 4.99
N VAL A 212 11.91 -19.87 5.05
CA VAL A 212 11.76 -19.02 3.88
C VAL A 212 12.87 -17.98 3.84
N TYR A 213 13.51 -17.82 2.68
CA TYR A 213 14.58 -16.86 2.56
C TYR A 213 14.09 -15.42 2.64
N HIS A 214 14.78 -14.61 3.42
CA HIS A 214 14.36 -13.24 3.74
C HIS A 214 14.22 -12.36 2.51
N LYS A 215 15.11 -12.55 1.54
CA LYS A 215 15.14 -11.77 0.29
C LYS A 215 16.04 -12.43 -0.78
N VAL A 216 15.82 -12.08 -2.03
CA VAL A 216 16.79 -12.33 -3.10
C VAL A 216 17.13 -10.97 -3.63
N THR A 217 18.40 -10.59 -3.56
CA THR A 217 18.86 -9.32 -4.12
C THR A 217 20.27 -9.50 -4.66
N THR A 218 20.72 -8.56 -5.48
CA THR A 218 22.15 -8.46 -5.74
C THR A 218 22.80 -8.04 -4.39
N PRO A 219 24.13 -8.17 -4.27
CA PRO A 219 24.85 -7.75 -3.05
C PRO A 219 24.72 -6.26 -2.73
N SER A 220 24.50 -5.43 -3.72
CA SER A 220 24.17 -4.04 -3.42
C SER A 220 23.35 -3.39 -4.53
N PHE A 221 22.94 -2.17 -4.27
CA PHE A 221 22.17 -1.42 -5.24
C PHE A 221 23.00 -1.01 -6.46
N PRO A 222 22.46 -1.19 -7.66
CA PRO A 222 23.11 -0.64 -8.83
C PRO A 222 22.90 0.87 -8.85
N PRO A 223 23.53 1.61 -9.79
CA PRO A 223 23.23 3.04 -9.90
C PRO A 223 21.77 3.32 -10.23
N LEU A 224 21.24 4.45 -9.75
CA LEU A 224 19.90 4.92 -10.12
C LEU A 224 19.64 4.79 -11.60
N ASP A 225 20.69 4.98 -12.40
CA ASP A 225 20.60 4.92 -13.86
C ASP A 225 20.92 3.52 -14.41
N THR A 226 20.26 2.51 -13.86
CA THR A 226 20.36 1.16 -14.38
C THR A 226 18.98 0.74 -14.83
N ARG A 227 18.89 0.33 -16.09
CA ARG A 227 17.71 -0.37 -16.56
C ARG A 227 17.62 -1.74 -15.90
N PRO A 228 16.39 -2.23 -15.69
CA PRO A 228 16.19 -3.57 -15.11
C PRO A 228 16.90 -4.67 -15.90
N GLU A 229 16.81 -4.61 -17.23
CA GLU A 229 17.41 -5.63 -18.10
C GLU A 229 18.96 -5.54 -18.18
N ASP A 230 19.52 -4.37 -17.89
CA ASP A 230 20.99 -4.17 -17.85
C ASP A 230 21.67 -4.64 -16.57
N ASP A 231 20.88 -4.85 -15.51
CA ASP A 231 21.37 -5.15 -14.16
C ASP A 231 22.00 -6.55 -14.10
N ASP A 232 23.32 -6.60 -14.24
CA ASP A 232 24.06 -7.84 -14.45
C ASP A 232 24.46 -8.56 -13.18
N ALA A 233 24.41 -7.85 -12.05
CA ALA A 233 25.05 -8.32 -10.84
C ALA A 233 24.45 -9.63 -10.39
N PRO A 234 25.28 -10.56 -9.92
CA PRO A 234 24.73 -11.82 -9.37
C PRO A 234 23.70 -11.66 -8.23
N LEU A 235 22.81 -12.65 -8.13
CA LEU A 235 21.67 -12.61 -7.24
C LEU A 235 21.95 -13.49 -6.05
N VAL A 236 21.69 -12.98 -4.86
CA VAL A 236 21.98 -13.71 -3.63
C VAL A 236 20.72 -13.83 -2.78
N LEU A 237 20.52 -15.02 -2.23
CA LEU A 237 19.45 -15.29 -1.28
C LEU A 237 20.00 -15.12 0.13
N SER A 238 19.49 -14.13 0.87
CA SER A 238 19.93 -13.93 2.26
C SER A 238 19.23 -14.98 3.09
N PRO A 239 19.85 -15.36 4.20
CA PRO A 239 19.39 -16.55 4.89
C PRO A 239 17.90 -16.56 5.27
N ILE A 240 17.39 -17.75 5.54
CA ILE A 240 16.06 -17.92 6.08
C ILE A 240 15.93 -16.99 7.31
N SER A 241 14.74 -16.45 7.54
CA SER A 241 14.48 -15.56 8.67
C SER A 241 13.12 -15.90 9.25
N TYR A 242 12.97 -15.69 10.56
CA TYR A 242 11.70 -15.92 11.23
C TYR A 242 10.60 -15.00 10.68
N ALA A 243 10.91 -13.72 10.49
CA ALA A 243 9.95 -12.75 9.95
C ALA A 243 9.48 -13.14 8.53
N ALA A 244 10.42 -13.53 7.68
CA ALA A 244 10.11 -14.03 6.35
C ALA A 244 9.18 -15.24 6.42
N THR A 245 9.56 -16.25 7.22
CA THR A 245 8.79 -17.50 7.32
C THR A 245 7.36 -17.22 7.84
N ALA A 246 7.26 -16.45 8.92
CA ALA A 246 5.96 -16.14 9.55
C ALA A 246 5.02 -15.42 8.58
N THR A 247 5.52 -14.33 7.98
CA THR A 247 4.74 -13.50 7.05
C THR A 247 4.37 -14.27 5.77
N PHE A 248 5.27 -15.12 5.32
CA PHE A 248 5.02 -16.00 4.18
C PHE A 248 3.86 -16.92 4.52
N CYS A 249 3.93 -17.51 5.71
CA CYS A 249 2.89 -18.38 6.17
C CYS A 249 1.55 -17.63 6.15
N ALA A 250 1.55 -16.40 6.64
CA ALA A 250 0.31 -15.65 6.73
C ALA A 250 -0.31 -15.39 5.35
N ALA A 251 0.51 -14.98 4.38
CA ALA A 251 0.03 -14.58 3.05
C ALA A 251 -0.42 -15.79 2.24
N MET A 252 0.27 -16.90 2.41
CA MET A 252 -0.11 -18.15 1.73
C MET A 252 -1.44 -18.74 2.25
N ALA A 253 -1.63 -18.71 3.57
CA ALA A 253 -2.84 -19.21 4.22
C ALA A 253 -4.02 -18.45 3.69
N HIS A 254 -3.81 -17.15 3.50
CA HIS A 254 -4.80 -16.26 3.01
C HIS A 254 -5.04 -16.56 1.54
N ALA A 255 -3.97 -16.71 0.78
CA ALA A 255 -4.06 -17.11 -0.60
C ALA A 255 -4.80 -18.44 -0.78
N ALA A 256 -4.52 -19.40 0.10
CA ALA A 256 -5.23 -20.66 0.04
C ALA A 256 -6.74 -20.40 0.07
N LEU A 257 -7.21 -19.55 0.97
CA LEU A 257 -8.65 -19.25 1.04
C LEU A 257 -9.19 -18.54 -0.19
N VAL A 258 -8.59 -17.43 -0.57
CA VAL A 258 -9.13 -16.60 -1.64
C VAL A 258 -9.11 -17.27 -3.01
N TYR A 259 -8.06 -18.02 -3.29
CA TYR A 259 -7.88 -18.64 -4.62
C TYR A 259 -8.60 -19.98 -4.81
N ARG A 260 -9.07 -20.60 -3.72
CA ARG A 260 -9.76 -21.90 -3.81
C ARG A 260 -10.80 -22.02 -4.96
N PRO A 261 -11.70 -21.03 -5.11
CA PRO A 261 -12.68 -21.09 -6.20
C PRO A 261 -12.12 -20.73 -7.58
N PHE A 262 -10.84 -20.38 -7.67
CA PHE A 262 -10.28 -19.78 -8.91
C PHE A 262 -9.11 -20.54 -9.50
N ASP A 263 -8.21 -21.01 -8.63
CA ASP A 263 -7.05 -21.79 -9.03
C ASP A 263 -6.85 -22.71 -7.86
N PRO A 264 -7.59 -23.81 -7.85
CA PRO A 264 -7.54 -24.77 -6.73
C PRO A 264 -6.19 -25.47 -6.55
N ALA A 265 -5.46 -25.63 -7.65
CA ALA A 265 -4.12 -26.22 -7.63
C ALA A 265 -3.21 -25.31 -6.84
N LEU A 266 -3.27 -24.01 -7.14
CA LEU A 266 -2.57 -22.96 -6.37
C LEU A 266 -3.00 -22.92 -4.88
N SER A 267 -4.30 -22.91 -4.65
CA SER A 267 -4.82 -22.75 -3.31
C SER A 267 -4.28 -23.84 -2.42
N SER A 268 -4.42 -25.08 -2.87
CA SER A 268 -4.00 -26.29 -2.11
C SER A 268 -2.51 -26.29 -1.78
N CYS A 269 -1.75 -25.97 -2.80
CA CYS A 269 -0.32 -25.84 -2.72
C CYS A 269 0.18 -24.74 -1.75
N CYS A 270 -0.45 -23.57 -1.80
CA CYS A 270 -0.21 -22.50 -0.82
C CYS A 270 -0.55 -22.98 0.58
N ALA A 271 -1.75 -23.55 0.72
CA ALA A 271 -2.19 -24.13 1.96
C ALA A 271 -1.07 -24.99 2.59
N ASP A 272 -0.47 -25.88 1.82
CA ASP A 272 0.57 -26.74 2.40
C ASP A 272 1.92 -26.06 2.60
N ALA A 273 2.21 -25.08 1.73
CA ALA A 273 3.36 -24.19 1.93
C ALA A 273 3.24 -23.48 3.28
N ALA A 274 2.04 -22.98 3.57
CA ALA A 274 1.78 -22.26 4.85
C ALA A 274 2.06 -23.17 6.06
N ARG A 275 1.54 -24.39 6.00
CA ARG A 275 1.68 -25.36 7.08
C ARG A 275 3.12 -25.74 7.37
N ARG A 276 3.90 -25.93 6.32
CA ARG A 276 5.32 -26.26 6.46
C ARG A 276 6.14 -25.11 7.08
N ALA A 277 5.83 -23.86 6.68
CA ALA A 277 6.38 -22.67 7.34
C ALA A 277 6.06 -22.62 8.85
N TYR A 278 4.81 -22.83 9.23
CA TYR A 278 4.47 -22.89 10.65
C TYR A 278 5.20 -24.02 11.38
N ALA A 279 5.48 -25.14 10.69
CA ALA A 279 6.34 -26.19 11.26
C ALA A 279 7.66 -25.56 11.61
N TRP A 280 8.21 -24.84 10.64
CA TRP A 280 9.48 -24.18 10.82
C TRP A 280 9.43 -23.25 12.02
N LEU A 281 8.41 -22.39 12.10
CA LEU A 281 8.34 -21.38 13.18
C LEU A 281 8.39 -21.99 14.58
N GLY A 282 7.74 -23.15 14.72
CA GLY A 282 7.66 -23.84 16.01
C GLY A 282 9.01 -24.37 16.42
N ALA A 283 9.79 -24.83 15.45
CA ALA A 283 11.09 -25.44 15.76
C ALA A 283 12.23 -24.42 15.86
N HIS A 284 11.94 -23.13 15.80
CA HIS A 284 13.01 -22.14 15.71
C HIS A 284 12.75 -20.88 16.53
N GLU A 285 13.84 -20.18 16.84
CA GLU A 285 13.82 -19.01 17.71
C GLU A 285 13.54 -17.73 16.94
N MET A 286 12.85 -16.82 17.61
CA MET A 286 12.48 -15.53 17.05
C MET A 286 13.70 -14.67 16.97
N GLN A 287 14.43 -14.87 15.89
CA GLN A 287 15.73 -14.25 15.69
C GLN A 287 15.60 -13.14 14.63
N PRO A 288 15.70 -11.86 15.07
CA PRO A 288 15.68 -10.75 14.12
C PRO A 288 16.69 -10.95 13.01
N PHE A 289 16.31 -10.50 11.81
CA PHE A 289 17.15 -10.62 10.62
C PHE A 289 18.14 -9.48 10.58
N HIS A 290 19.39 -9.78 10.21
CA HIS A 290 20.38 -8.76 9.97
C HIS A 290 21.05 -9.08 8.67
N ASN A 291 21.40 -8.06 7.90
CA ASN A 291 22.08 -8.29 6.63
C ASN A 291 23.39 -8.99 6.87
N PRO A 292 23.67 -10.08 6.14
CA PRO A 292 24.95 -10.75 6.31
C PRO A 292 26.06 -9.96 5.64
N ASP A 293 27.30 -10.22 6.03
CA ASP A 293 28.37 -9.42 5.49
C ASP A 293 28.40 -9.57 3.98
N GLY A 294 28.56 -8.44 3.31
CA GLY A 294 28.62 -8.42 1.87
C GLY A 294 27.34 -7.91 1.28
N ILE A 295 26.22 -8.16 1.94
CA ILE A 295 24.91 -7.70 1.46
C ILE A 295 24.58 -6.29 2.04
N LEU A 296 24.29 -5.33 1.15
CA LEU A 296 24.03 -3.94 1.54
C LEU A 296 22.67 -3.41 1.04
N THR A 297 21.80 -4.31 0.62
CA THR A 297 20.45 -3.96 0.17
C THR A 297 19.50 -3.96 1.36
N GLY A 298 18.29 -3.46 1.16
CA GLY A 298 17.38 -3.20 2.25
C GLY A 298 17.37 -4.35 3.21
N GLU A 299 17.44 -4.05 4.50
CA GLU A 299 17.44 -5.11 5.50
C GLU A 299 16.04 -5.64 5.81
N TYR A 300 15.07 -4.72 5.88
CA TYR A 300 13.75 -5.01 6.38
C TYR A 300 13.84 -5.82 7.69
N GLY A 301 14.36 -5.17 8.72
CA GLY A 301 14.56 -5.80 10.02
C GLY A 301 13.41 -5.47 10.96
N ASP A 302 13.41 -6.13 12.12
CA ASP A 302 12.33 -5.99 13.08
C ASP A 302 12.78 -6.73 14.37
N ALA A 303 12.82 -6.00 15.50
CA ALA A 303 13.11 -6.59 16.80
C ALA A 303 11.95 -7.48 17.27
N GLU A 304 10.72 -7.02 17.01
CA GLU A 304 9.51 -7.68 17.53
C GLU A 304 8.91 -8.63 16.50
N LEU A 305 8.93 -9.92 16.86
CA LEU A 305 8.49 -10.97 15.98
C LEU A 305 7.23 -11.66 16.45
N ARG A 306 6.59 -11.15 17.49
CA ARG A 306 5.41 -11.82 18.02
C ARG A 306 4.17 -11.51 17.21
N ASP A 307 4.11 -10.31 16.67
CA ASP A 307 2.98 -9.89 15.84
C ASP A 307 2.91 -10.72 14.57
N GLU A 308 4.10 -11.12 14.10
CA GLU A 308 4.21 -11.97 12.91
C GLU A 308 3.66 -13.36 13.24
N LEU A 309 4.02 -13.91 14.42
CA LEU A 309 3.45 -15.17 14.90
C LEU A 309 1.92 -15.08 15.05
N LEU A 310 1.46 -13.98 15.61
CA LEU A 310 0.03 -13.68 15.68
C LEU A 310 -0.64 -13.91 14.32
N TRP A 311 -0.07 -13.27 13.31
CA TRP A 311 -0.70 -13.24 12.01
C TRP A 311 -0.64 -14.59 11.28
N ALA A 312 0.46 -15.32 11.42
CA ALA A 312 0.56 -16.66 10.86
C ALA A 312 -0.49 -17.54 11.54
N SER A 313 -0.54 -17.50 12.85
CA SER A 313 -1.49 -18.31 13.62
C SER A 313 -2.93 -18.00 13.19
N CYS A 314 -3.25 -16.71 13.16
CA CYS A 314 -4.61 -16.28 12.88
C CYS A 314 -5.00 -16.64 11.45
N ALA A 315 -4.04 -16.59 10.52
CA ALA A 315 -4.33 -16.93 9.14
C ALA A 315 -4.58 -18.46 9.02
N LEU A 316 -3.83 -19.25 9.76
CA LEU A 316 -4.04 -20.70 9.73
C LEU A 316 -5.36 -21.04 10.44
N LEU A 317 -5.69 -20.27 11.48
CA LEU A 317 -6.99 -20.37 12.12
C LEU A 317 -8.04 -20.21 11.03
N ARG A 318 -7.96 -19.12 10.28
CA ARG A 318 -9.03 -18.81 9.34
C ARG A 318 -9.00 -19.73 8.14
N MET A 319 -7.81 -20.24 7.81
CA MET A 319 -7.68 -21.14 6.67
C MET A 319 -8.38 -22.47 6.98
N THR A 320 -8.08 -23.04 8.14
CA THR A 320 -8.56 -24.37 8.53
C THR A 320 -10.01 -24.30 9.01
N GLY A 321 -10.29 -23.39 9.93
CA GLY A 321 -11.60 -23.31 10.58
C GLY A 321 -11.61 -24.10 11.87
N ASP A 322 -10.42 -24.55 12.26
CA ASP A 322 -10.22 -25.47 13.36
C ASP A 322 -10.00 -24.69 14.66
N SER A 323 -10.91 -24.86 15.61
CA SER A 323 -10.84 -24.22 16.93
C SER A 323 -9.55 -24.52 17.71
N ALA A 324 -8.91 -25.65 17.41
CA ALA A 324 -7.55 -25.91 17.90
C ALA A 324 -6.70 -24.64 17.90
N TRP A 325 -6.62 -23.96 16.77
CA TRP A 325 -5.77 -22.78 16.62
C TRP A 325 -6.07 -21.63 17.58
N ALA A 326 -7.33 -21.55 18.05
CA ALA A 326 -7.74 -20.50 19.01
C ALA A 326 -6.86 -20.43 20.27
N ARG A 327 -6.39 -21.60 20.73
CA ARG A 327 -5.51 -21.72 21.91
C ARG A 327 -4.21 -20.97 21.72
N VAL A 328 -3.70 -20.88 20.49
CA VAL A 328 -2.43 -20.18 20.24
C VAL A 328 -2.64 -18.70 19.96
N CYS A 329 -3.76 -18.35 19.34
CA CYS A 329 -4.02 -16.95 18.92
C CYS A 329 -4.36 -15.99 20.04
N GLU A 330 -5.21 -16.46 20.95
CA GLU A 330 -5.86 -15.57 21.93
C GLU A 330 -4.92 -15.05 23.03
N PRO A 331 -3.94 -15.86 23.45
CA PRO A 331 -2.82 -15.26 24.17
C PRO A 331 -2.15 -14.16 23.35
N LEU A 332 -1.80 -14.44 22.10
CA LEU A 332 -1.07 -13.45 21.27
C LEU A 332 -1.92 -12.19 21.03
N LEU A 333 -3.22 -12.37 20.91
CA LEU A 333 -4.14 -11.23 20.77
C LEU A 333 -4.24 -10.40 22.06
N ASP A 334 -3.96 -11.02 23.20
CA ASP A 334 -4.03 -10.34 24.49
C ASP A 334 -2.84 -9.39 24.73
N LEU A 335 -1.73 -9.59 24.02
CA LEU A 335 -0.53 -8.75 24.17
C LEU A 335 -0.75 -7.27 23.81
N ASP A 336 0.09 -6.41 24.37
CA ASP A 336 0.07 -4.99 24.03
C ASP A 336 0.89 -4.70 22.72
N LEU A 337 0.76 -5.55 21.70
CA LEU A 337 1.39 -5.26 20.39
C LEU A 337 0.62 -4.14 19.71
N PRO A 338 1.28 -3.33 18.85
CA PRO A 338 0.48 -2.34 18.14
C PRO A 338 -0.27 -3.05 17.02
N TRP A 339 -1.53 -2.64 16.84
CA TRP A 339 -2.42 -3.33 15.95
C TRP A 339 -2.42 -2.62 14.61
N GLU A 340 -1.27 -2.72 13.92
CA GLU A 340 -1.05 -2.03 12.63
C GLU A 340 -0.98 -3.00 11.45
N LEU A 341 -1.00 -2.40 10.26
CA LEU A 341 -1.04 -3.11 8.98
C LEU A 341 0.30 -3.06 8.21
N GLY A 342 1.41 -3.25 8.90
CA GLY A 342 2.69 -3.51 8.25
C GLY A 342 3.58 -2.29 7.97
N TRP A 343 4.73 -2.49 7.36
CA TRP A 343 5.26 -3.82 7.00
C TRP A 343 5.84 -4.63 8.17
N ALA A 344 6.29 -3.93 9.23
CA ALA A 344 6.92 -4.56 10.43
C ALA A 344 5.92 -4.95 11.53
N ASP A 345 4.95 -4.07 11.73
CA ASP A 345 3.97 -4.26 12.79
C ASP A 345 2.72 -4.68 12.05
N VAL A 346 2.45 -5.96 12.15
CA VAL A 346 1.50 -6.65 11.30
C VAL A 346 0.31 -7.25 12.07
N ALA A 347 0.24 -7.05 13.39
CA ALA A 347 -0.82 -7.63 14.23
C ALA A 347 -2.23 -7.41 13.68
N LEU A 348 -2.50 -6.23 13.14
CA LEU A 348 -3.88 -5.99 12.78
C LEU A 348 -4.34 -6.95 11.69
N TYR A 349 -3.44 -7.46 10.85
CA TYR A 349 -3.84 -8.48 9.86
C TYR A 349 -4.32 -9.74 10.60
N GLY A 350 -3.64 -10.09 11.69
CA GLY A 350 -4.05 -11.21 12.53
C GLY A 350 -5.40 -10.98 13.17
N VAL A 351 -5.64 -9.75 13.62
CA VAL A 351 -6.91 -9.38 14.23
C VAL A 351 -8.02 -9.68 13.23
N MET A 352 -7.85 -9.32 11.96
CA MET A 352 -8.91 -9.52 10.97
C MET A 352 -9.06 -10.99 10.67
N ASP A 353 -7.96 -11.68 10.47
CA ASP A 353 -8.07 -13.08 10.17
C ASP A 353 -8.89 -13.78 11.26
N TYR A 354 -8.58 -13.48 12.52
CA TYR A 354 -9.31 -14.02 13.69
C TYR A 354 -10.81 -13.60 13.74
N LEU A 355 -11.04 -12.29 13.63
CA LEU A 355 -12.37 -11.70 13.61
C LEU A 355 -13.21 -12.22 12.43
N ARG A 356 -12.56 -12.70 11.39
CA ARG A 356 -13.27 -13.18 10.21
C ARG A 356 -13.22 -14.70 10.09
N THR A 357 -12.74 -15.36 11.14
CA THR A 357 -12.91 -16.79 11.33
C THR A 357 -14.33 -16.98 11.88
N PRO A 358 -15.01 -18.06 11.48
CA PRO A 358 -16.36 -18.32 12.00
C PRO A 358 -16.41 -18.45 13.53
N ARG A 359 -17.39 -17.77 14.14
CA ARG A 359 -17.60 -17.68 15.61
C ARG A 359 -17.55 -19.03 16.33
N ALA A 360 -18.08 -20.09 15.72
CA ALA A 360 -18.04 -21.44 16.31
C ALA A 360 -16.65 -21.85 16.81
N ALA A 361 -15.60 -21.38 16.13
CA ALA A 361 -14.23 -21.79 16.39
C ALA A 361 -13.49 -20.95 17.44
N VAL A 362 -14.09 -19.85 17.91
CA VAL A 362 -13.38 -18.92 18.82
C VAL A 362 -14.27 -18.41 19.97
N SER A 363 -13.67 -17.97 21.09
CA SER A 363 -14.47 -17.46 22.22
C SER A 363 -15.16 -16.18 21.82
N ASP A 364 -16.48 -16.16 22.00
CA ASP A 364 -17.27 -14.95 21.84
C ASP A 364 -16.73 -13.86 22.75
N ASP A 365 -16.34 -14.28 23.96
CA ASP A 365 -15.75 -13.39 24.94
C ASP A 365 -14.49 -12.65 24.43
N VAL A 366 -13.52 -13.42 23.94
CA VAL A 366 -12.30 -12.85 23.37
C VAL A 366 -12.63 -11.96 22.17
N ARG A 367 -13.44 -12.52 21.29
CA ARG A 367 -13.87 -11.82 20.10
C ARG A 367 -14.30 -10.39 20.44
N ASN A 368 -15.17 -10.27 21.43
CA ASN A 368 -15.74 -8.98 21.81
C ASN A 368 -14.71 -8.04 22.42
N LYS A 369 -13.79 -8.61 23.18
CA LYS A 369 -12.63 -7.86 23.67
C LYS A 369 -11.74 -7.37 22.52
N VAL A 370 -11.47 -8.26 21.58
CA VAL A 370 -10.76 -7.88 20.36
C VAL A 370 -11.46 -6.69 19.67
N LYS A 371 -12.76 -6.88 19.40
CA LYS A 371 -13.62 -5.85 18.81
C LYS A 371 -13.67 -4.54 19.63
N SER A 372 -13.59 -4.68 20.95
CA SER A 372 -13.59 -3.52 21.85
C SER A 372 -12.32 -2.74 21.67
N ARG A 373 -11.19 -3.46 21.70
CA ARG A 373 -9.88 -2.82 21.49
C ARG A 373 -9.80 -2.18 20.09
N LEU A 374 -10.28 -2.92 19.08
CA LEU A 374 -10.32 -2.40 17.73
C LEU A 374 -11.07 -1.08 17.71
N LEU A 375 -12.22 -1.02 18.36
CA LEU A 375 -13.04 0.21 18.29
C LEU A 375 -12.34 1.36 19.00
N ARG A 376 -11.72 1.07 20.14
CA ARG A 376 -10.94 2.10 20.83
C ARG A 376 -9.78 2.67 19.99
N GLU A 377 -9.14 1.82 19.18
CA GLU A 377 -8.02 2.27 18.33
C GLU A 377 -8.52 3.22 17.23
N LEU A 378 -9.64 2.84 16.61
CA LEU A 378 -10.30 3.73 15.65
C LEU A 378 -10.71 5.08 16.27
N ASP A 379 -11.23 5.07 17.50
CA ASP A 379 -11.50 6.32 18.19
C ASP A 379 -10.26 7.19 18.29
N ALA A 380 -9.14 6.59 18.67
CA ALA A 380 -7.89 7.36 18.74
C ALA A 380 -7.59 8.00 17.38
N LEU A 381 -7.65 7.21 16.33
CA LEU A 381 -7.38 7.74 14.98
C LEU A 381 -8.36 8.85 14.60
N ALA A 382 -9.64 8.70 14.98
CA ALA A 382 -10.71 9.69 14.68
C ALA A 382 -10.43 11.04 15.33
N ALA A 383 -10.00 10.99 16.60
CA ALA A 383 -9.55 12.17 17.37
C ALA A 383 -8.42 12.90 16.65
N MET A 384 -7.45 12.13 16.15
CA MET A 384 -6.36 12.70 15.35
C MET A 384 -6.92 13.40 14.12
N ALA A 385 -7.84 12.72 13.42
CA ALA A 385 -8.45 13.32 12.24
C ALA A 385 -9.20 14.59 12.63
N GLU A 386 -10.00 14.51 13.71
CA GLU A 386 -10.82 15.65 14.15
C GLU A 386 -10.04 16.96 14.21
N SER A 387 -8.87 16.91 14.82
CA SER A 387 -8.07 18.07 15.06
C SER A 387 -7.04 18.38 13.94
N HIS A 388 -6.96 17.56 12.90
CA HIS A 388 -6.03 17.81 11.77
C HIS A 388 -6.74 18.68 10.76
N PRO A 389 -6.03 19.65 10.17
CA PRO A 389 -6.75 20.55 9.27
C PRO A 389 -7.35 19.85 8.04
N PHE A 390 -6.63 18.87 7.50
CA PHE A 390 -7.09 18.06 6.36
C PHE A 390 -7.88 16.80 6.74
N GLY A 391 -8.23 16.66 8.00
CA GLY A 391 -9.14 15.60 8.42
C GLY A 391 -8.55 14.21 8.28
N ILE A 392 -7.22 14.12 8.17
CA ILE A 392 -6.56 12.84 8.03
C ILE A 392 -6.14 12.44 9.43
N PRO A 393 -6.03 11.12 9.69
CA PRO A 393 -5.70 10.66 11.02
C PRO A 393 -4.21 10.54 11.17
N MET A 394 -3.56 11.71 11.28
CA MET A 394 -2.10 11.80 11.41
C MET A 394 -1.67 12.89 12.41
N ARG A 395 -0.48 12.74 12.96
CA ARG A 395 0.19 13.82 13.67
C ARG A 395 1.49 14.10 12.98
N ASP A 396 2.14 15.18 13.40
CA ASP A 396 3.39 15.56 12.80
C ASP A 396 4.47 14.52 12.98
N ASP A 397 4.52 13.90 14.15
CA ASP A 397 5.52 12.85 14.35
C ASP A 397 5.24 11.61 13.50
N ASP A 398 4.00 11.42 13.06
CA ASP A 398 3.65 10.31 12.18
C ASP A 398 4.17 10.45 10.74
N PHE A 399 4.63 11.63 10.36
CA PHE A 399 5.18 11.80 9.02
C PHE A 399 6.61 11.33 8.93
N ILE A 400 6.74 10.01 8.76
CA ILE A 400 8.01 9.34 8.69
C ILE A 400 8.25 8.76 7.29
N TRP A 401 9.34 8.03 7.12
CA TRP A 401 9.60 7.33 5.89
C TRP A 401 8.33 6.57 5.56
N GLY A 402 7.77 6.80 4.37
CA GLY A 402 6.55 6.12 3.96
C GLY A 402 5.27 6.62 4.61
N SER A 403 5.20 7.90 4.93
CA SER A 403 4.08 8.46 5.67
C SER A 403 2.73 8.29 4.96
N ASN A 404 2.76 8.21 3.64
CA ASN A 404 1.56 7.96 2.83
C ASN A 404 0.99 6.57 3.12
N MET A 405 1.88 5.61 3.30
CA MET A 405 1.46 4.28 3.74
C MET A 405 0.87 4.29 5.15
N VAL A 406 1.46 5.10 6.01
CA VAL A 406 0.97 5.22 7.36
C VAL A 406 -0.49 5.72 7.31
N LEU A 407 -0.72 6.78 6.53
CA LEU A 407 -2.05 7.39 6.44
C LEU A 407 -2.99 6.39 5.83
N LEU A 408 -2.53 5.74 4.78
CA LEU A 408 -3.39 4.85 4.01
C LEU A 408 -3.72 3.63 4.83
N ASN A 409 -2.72 3.08 5.55
CA ASN A 409 -2.92 1.91 6.42
C ASN A 409 -3.99 2.23 7.45
N ARG A 410 -4.08 3.48 7.86
CA ARG A 410 -5.06 3.90 8.87
C ARG A 410 -6.47 4.09 8.30
N ALA A 411 -6.56 4.66 7.10
CA ALA A 411 -7.83 4.67 6.36
C ALA A 411 -8.29 3.23 6.28
N MET A 412 -7.36 2.40 5.81
CA MET A 412 -7.61 0.97 5.62
C MET A 412 -8.14 0.26 6.89
N ALA A 413 -7.69 0.72 8.06
CA ALA A 413 -8.10 0.12 9.31
C ALA A 413 -9.62 0.28 9.55
N PHE A 414 -10.11 1.51 9.39
CA PHE A 414 -11.56 1.80 9.52
C PHE A 414 -12.42 0.95 8.58
N LEU A 415 -11.90 0.72 7.37
CA LEU A 415 -12.69 0.13 6.30
C LEU A 415 -12.73 -1.39 6.43
N LEU A 416 -11.65 -1.96 6.91
CA LEU A 416 -11.62 -3.38 7.20
C LEU A 416 -12.54 -3.65 8.39
N ALA A 417 -12.61 -2.69 9.31
CA ALA A 417 -13.39 -2.84 10.52
C ALA A 417 -14.87 -2.98 10.20
N GLU A 418 -15.31 -2.36 9.10
CA GLU A 418 -16.72 -2.43 8.68
C GLU A 418 -17.11 -3.85 8.25
N GLY A 419 -16.13 -4.63 7.79
CA GLY A 419 -16.38 -6.04 7.48
C GLY A 419 -16.54 -6.98 8.67
N VAL A 420 -16.37 -6.45 9.88
CA VAL A 420 -16.42 -7.24 11.11
C VAL A 420 -17.34 -6.61 12.16
N GLY A 421 -18.35 -5.89 11.67
CA GLY A 421 -19.35 -5.23 12.52
C GLY A 421 -18.81 -4.13 13.44
N VAL A 422 -17.66 -3.55 13.12
CA VAL A 422 -17.17 -2.38 13.87
C VAL A 422 -17.33 -1.17 12.97
N LEU A 423 -18.51 -0.57 13.03
CA LEU A 423 -18.91 0.43 12.06
C LEU A 423 -18.63 1.80 12.63
N HIS A 424 -17.42 2.31 12.45
CA HIS A 424 -17.10 3.61 13.02
C HIS A 424 -17.63 4.74 12.17
N PRO A 425 -18.33 5.72 12.78
CA PRO A 425 -18.94 6.82 12.00
C PRO A 425 -17.97 7.67 11.15
N ALA A 426 -16.70 7.72 11.50
CA ALA A 426 -15.70 8.50 10.77
C ALA A 426 -15.09 7.75 9.57
N ALA A 427 -15.41 6.46 9.43
CA ALA A 427 -14.71 5.57 8.50
C ALA A 427 -14.70 6.08 7.06
N HIS A 428 -15.84 6.52 6.53
CA HIS A 428 -15.86 6.88 5.14
C HIS A 428 -15.42 8.32 4.91
N THR A 429 -15.61 9.20 5.89
CA THR A 429 -15.04 10.56 5.82
C THR A 429 -13.51 10.53 5.80
N VAL A 430 -12.93 9.63 6.59
CA VAL A 430 -11.47 9.47 6.68
C VAL A 430 -10.87 8.93 5.38
N ALA A 431 -11.54 7.95 4.76
CA ALA A 431 -11.08 7.43 3.45
C ALA A 431 -11.04 8.54 2.39
N GLN A 432 -12.15 9.27 2.27
CA GLN A 432 -12.24 10.36 1.34
C GLN A 432 -11.10 11.34 1.60
N ARG A 433 -10.87 11.65 2.86
CA ARG A 433 -9.84 12.64 3.21
C ARG A 433 -8.46 12.12 2.83
N ALA A 434 -8.19 10.86 3.13
CA ALA A 434 -6.89 10.28 2.79
C ALA A 434 -6.68 10.34 1.27
N ALA A 435 -7.67 9.96 0.48
CA ALA A 435 -7.61 10.16 -0.99
C ALA A 435 -7.33 11.65 -1.38
N ASP A 436 -8.14 12.56 -0.83
CA ASP A 436 -7.96 14.00 -1.07
C ASP A 436 -6.50 14.40 -0.88
N TYR A 437 -5.96 14.10 0.29
CA TYR A 437 -4.57 14.41 0.64
C TYR A 437 -3.56 13.83 -0.36
N LEU A 438 -3.71 12.52 -0.62
CA LEU A 438 -2.84 11.79 -1.51
C LEU A 438 -2.85 12.40 -2.89
N PHE A 439 -3.99 12.97 -3.29
CA PHE A 439 -4.13 13.56 -4.60
C PHE A 439 -3.93 15.07 -4.61
N GLY A 440 -3.48 15.63 -3.49
CA GLY A 440 -2.99 17.03 -3.50
C GLY A 440 -3.56 17.99 -2.49
N ALA A 441 -4.47 17.51 -1.65
CA ALA A 441 -5.03 18.28 -0.54
C ALA A 441 -4.05 18.18 0.62
N ASN A 442 -2.96 18.93 0.49
CA ASN A 442 -1.88 18.98 1.48
C ASN A 442 -1.17 20.32 1.36
N PRO A 443 -0.29 20.67 2.33
CA PRO A 443 0.44 21.94 2.29
C PRO A 443 1.34 22.18 1.05
N LEU A 444 1.81 21.12 0.41
CA LEU A 444 2.66 21.25 -0.77
C LEU A 444 1.84 21.28 -2.04
N GLY A 445 0.53 21.15 -1.90
CA GLY A 445 -0.35 21.00 -3.06
C GLY A 445 0.05 19.87 -3.97
N GLN A 446 0.71 18.86 -3.41
CA GLN A 446 1.41 17.83 -4.18
C GLN A 446 0.54 16.59 -4.35
N CYS A 447 0.30 16.20 -5.60
CA CYS A 447 -0.32 14.92 -5.87
C CYS A 447 0.78 13.86 -5.83
N TYR A 448 0.64 12.91 -4.91
CA TYR A 448 1.72 11.96 -4.59
C TYR A 448 1.70 10.67 -5.41
N VAL A 449 0.95 10.65 -6.51
CA VAL A 449 0.94 9.52 -7.45
C VAL A 449 1.52 10.05 -8.77
N THR A 450 2.43 9.29 -9.37
CA THR A 450 2.97 9.67 -10.68
C THR A 450 1.83 9.57 -11.70
N GLY A 451 1.81 10.52 -12.63
CA GLY A 451 0.86 10.51 -13.73
C GLY A 451 -0.55 11.04 -13.48
N PHE A 452 -0.80 11.69 -12.34
CA PHE A 452 -2.13 12.18 -12.11
C PHE A 452 -2.13 13.52 -11.44
N GLY A 453 -3.25 14.21 -11.57
CA GLY A 453 -3.43 15.54 -11.00
C GLY A 453 -2.66 16.62 -11.72
N GLN A 454 -2.71 17.84 -11.16
CA GLN A 454 -2.10 19.02 -11.77
C GLN A 454 -0.67 19.23 -11.28
N ARG A 455 -0.31 18.67 -10.13
CA ARG A 455 1.08 18.65 -9.69
C ARG A 455 1.43 17.22 -9.32
N PRO A 456 1.68 16.40 -10.34
CA PRO A 456 1.99 15.00 -10.16
C PRO A 456 3.43 14.82 -9.74
N VAL A 457 3.77 13.62 -9.31
CA VAL A 457 5.16 13.28 -9.03
C VAL A 457 5.87 13.04 -10.36
N ARG A 458 6.95 13.80 -10.59
CA ARG A 458 7.67 13.84 -11.87
C ARG A 458 8.99 13.10 -11.88
N HIS A 459 9.69 13.09 -10.74
CA HIS A 459 11.04 12.49 -10.65
C HIS A 459 11.12 11.53 -9.48
N PRO A 460 10.40 10.40 -9.56
CA PRO A 460 10.47 9.42 -8.48
C PRO A 460 11.84 8.72 -8.38
N HIS A 461 12.23 8.33 -7.17
CA HIS A 461 13.36 7.43 -6.97
C HIS A 461 12.95 6.03 -7.40
N HIS A 462 12.93 5.83 -8.71
CA HIS A 462 12.48 4.60 -9.34
C HIS A 462 13.43 4.35 -10.51
N ARG A 463 14.28 3.34 -10.39
CA ARG A 463 15.37 3.09 -11.36
C ARG A 463 14.92 2.97 -12.82
N PRO A 464 13.80 2.29 -13.05
CA PRO A 464 13.22 2.28 -14.40
C PRO A 464 12.83 3.65 -14.95
N SER A 465 12.24 4.50 -14.11
CA SER A 465 11.80 5.82 -14.53
C SER A 465 12.98 6.70 -14.79
N VAL A 466 14.05 6.44 -14.03
CA VAL A 466 15.30 7.13 -14.19
C VAL A 466 16.11 6.62 -15.38
N ALA A 467 16.17 5.30 -15.57
CA ALA A 467 17.12 4.71 -16.56
C ALA A 467 16.57 4.61 -17.98
N ASP A 468 15.25 4.43 -18.14
CA ASP A 468 14.64 4.53 -19.48
C ASP A 468 14.90 5.96 -19.91
N ASP A 469 14.61 6.33 -21.14
CA ASP A 469 14.76 7.75 -21.48
C ASP A 469 13.43 8.21 -22.00
N VAL A 470 12.52 8.19 -21.04
CA VAL A 470 11.16 8.69 -21.14
C VAL A 470 10.98 9.71 -19.99
N ASP A 471 10.58 10.95 -20.31
CA ASP A 471 10.47 12.01 -19.28
C ASP A 471 9.53 11.59 -18.18
N HIS A 472 8.28 11.41 -18.57
CA HIS A 472 7.25 10.95 -17.68
C HIS A 472 7.68 9.61 -17.05
N PRO A 473 7.54 9.49 -15.74
CA PRO A 473 7.83 8.24 -15.05
C PRO A 473 6.70 7.23 -15.25
N VAL A 474 6.94 5.97 -14.90
CA VAL A 474 5.88 4.95 -14.88
C VAL A 474 4.72 5.58 -14.11
N PRO A 475 3.51 5.60 -14.67
CA PRO A 475 2.41 6.25 -13.94
C PRO A 475 1.74 5.30 -12.96
N GLY A 476 1.06 5.85 -11.96
CA GLY A 476 0.31 5.05 -11.00
C GLY A 476 1.06 4.73 -9.71
N MET A 477 2.26 5.27 -9.58
CA MET A 477 3.14 4.95 -8.45
C MET A 477 2.91 5.90 -7.29
N VAL A 478 2.49 5.36 -6.13
CA VAL A 478 2.37 6.14 -4.88
C VAL A 478 3.72 6.33 -4.19
N VAL A 479 4.09 7.59 -3.98
CA VAL A 479 5.40 7.91 -3.38
C VAL A 479 5.32 7.90 -1.86
N GLY A 480 6.46 7.65 -1.23
CA GLY A 480 6.54 7.44 0.21
C GLY A 480 5.91 8.58 0.96
N GLY A 481 6.25 9.79 0.53
CA GLY A 481 5.62 10.99 1.06
C GLY A 481 6.50 11.69 2.06
N PRO A 482 6.02 12.81 2.60
CA PRO A 482 6.83 13.64 3.53
C PRO A 482 7.45 12.83 4.69
N ASN A 483 8.69 13.17 5.04
CA ASN A 483 9.45 12.50 6.12
C ASN A 483 10.37 13.47 6.85
N ARG A 484 9.97 13.79 8.07
CA ARG A 484 10.60 14.84 8.86
C ARG A 484 11.99 14.44 9.34
N HIS A 485 12.30 13.17 9.30
CA HIS A 485 13.61 12.71 9.73
C HIS A 485 14.75 13.06 8.75
N LEU A 486 14.39 13.54 7.55
CA LEU A 486 15.35 13.98 6.53
C LEU A 486 16.48 12.96 6.32
N GLN A 487 16.12 11.80 5.77
CA GLN A 487 16.98 10.63 5.78
C GLN A 487 17.61 10.31 4.42
N ASP A 488 17.84 11.36 3.65
CA ASP A 488 18.71 11.30 2.49
C ASP A 488 19.36 12.70 2.33
N GLU A 489 20.55 12.75 1.76
CA GLU A 489 21.31 14.01 1.64
C GLU A 489 20.53 15.14 0.93
N ILE A 490 19.67 14.78 -0.02
CA ILE A 490 18.87 15.76 -0.72
C ILE A 490 17.80 16.44 0.16
N ALA A 491 17.21 15.67 1.08
CA ALA A 491 16.20 16.19 2.02
C ALA A 491 16.86 17.09 3.05
N ARG A 492 17.89 16.57 3.71
CA ARG A 492 18.79 17.39 4.53
C ARG A 492 19.16 18.73 3.89
N ALA A 493 19.57 18.70 2.62
CA ALA A 493 19.89 19.92 1.89
C ALA A 493 18.70 20.90 1.87
N GLN A 494 17.60 20.50 1.24
CA GLN A 494 16.54 21.47 0.91
C GLN A 494 15.47 21.66 1.98
N LEU A 495 15.38 20.73 2.93
CA LEU A 495 14.16 20.63 3.77
C LEU A 495 14.35 20.87 5.28
N ALA A 496 15.59 21.04 5.75
CA ALA A 496 15.83 21.35 7.16
C ALA A 496 14.99 22.56 7.57
N GLY A 497 14.17 22.39 8.59
CA GLY A 497 13.41 23.50 9.15
C GLY A 497 11.96 23.60 8.72
N ARG A 498 11.57 22.79 7.73
CA ARG A 498 10.19 22.80 7.21
C ARG A 498 9.29 21.96 8.12
N PRO A 499 8.04 22.38 8.31
CA PRO A 499 7.12 21.53 9.08
C PRO A 499 7.01 20.12 8.47
N ALA A 500 6.55 19.17 9.30
CA ALA A 500 6.54 17.75 8.96
C ALA A 500 5.90 17.48 7.60
N MET A 501 4.71 18.02 7.38
CA MET A 501 3.97 17.72 6.15
C MET A 501 4.63 18.27 4.89
N GLU A 502 5.55 19.21 5.04
CA GLU A 502 6.25 19.77 3.90
C GLU A 502 7.61 19.14 3.71
N ALA A 503 7.95 18.17 4.55
CA ALA A 503 9.22 17.46 4.44
C ALA A 503 9.21 16.43 3.28
N TYR A 504 8.93 16.92 2.08
CA TYR A 504 8.89 16.10 0.87
C TYR A 504 9.40 16.89 -0.31
N ILE A 505 10.31 16.29 -1.08
CA ILE A 505 10.86 16.90 -2.28
C ILE A 505 10.75 15.95 -3.47
N ASP A 506 10.22 16.46 -4.58
CA ASP A 506 10.10 15.67 -5.82
C ASP A 506 11.46 15.64 -6.51
N HIS A 507 12.32 14.73 -6.05
CA HIS A 507 13.68 14.61 -6.52
C HIS A 507 14.04 13.12 -6.55
N GLN A 508 14.83 12.71 -7.54
CA GLN A 508 15.03 11.26 -7.78
C GLN A 508 16.02 10.63 -6.82
N ASP A 509 16.78 11.48 -6.14
CA ASP A 509 17.76 11.06 -5.16
C ASP A 509 17.14 11.05 -3.76
N SER A 510 16.04 11.78 -3.53
CA SER A 510 15.31 11.70 -2.24
C SER A 510 14.54 10.41 -2.08
N TYR A 511 15.27 9.36 -1.66
CA TYR A 511 14.68 8.04 -1.44
C TYR A 511 13.83 7.96 -0.16
N SER A 512 14.18 8.77 0.83
CA SER A 512 13.42 8.83 2.08
C SER A 512 12.10 9.57 1.94
N THR A 513 11.90 10.32 0.85
CA THR A 513 10.61 11.00 0.63
C THR A 513 9.96 10.66 -0.67
N ASN A 514 10.72 10.25 -1.70
CA ASN A 514 10.14 10.12 -3.06
C ASN A 514 10.33 8.75 -3.70
N GLU A 515 10.53 7.70 -2.91
CA GLU A 515 10.62 6.36 -3.49
C GLU A 515 9.21 5.83 -3.76
N VAL A 516 9.14 4.66 -4.38
CA VAL A 516 7.89 3.94 -4.57
C VAL A 516 8.03 2.52 -4.03
N ALA A 517 6.92 1.85 -3.72
CA ALA A 517 6.99 0.49 -3.13
C ALA A 517 5.70 -0.28 -3.33
N VAL A 518 5.84 -1.57 -3.57
CA VAL A 518 4.68 -2.39 -3.79
C VAL A 518 3.74 -2.34 -2.58
N TYR A 519 4.31 -2.23 -1.38
CA TYR A 519 3.48 -2.12 -0.16
C TYR A 519 3.03 -0.68 0.18
N TRP A 520 3.32 0.28 -0.69
CA TRP A 520 2.71 1.61 -0.61
C TRP A 520 1.53 1.69 -1.55
N ASN A 521 1.71 1.19 -2.76
CA ASN A 521 0.57 1.06 -3.66
C ASN A 521 -0.52 0.15 -3.13
N SER A 522 -0.16 -0.95 -2.45
CA SER A 522 -1.15 -1.95 -2.06
C SER A 522 -2.31 -1.41 -1.17
N PRO A 523 -2.00 -0.69 -0.08
CA PRO A 523 -3.13 -0.15 0.69
C PRO A 523 -3.85 0.95 -0.06
N ALA A 524 -3.16 1.64 -0.97
CA ALA A 524 -3.79 2.69 -1.77
C ALA A 524 -4.87 2.04 -2.60
N VAL A 525 -4.51 0.95 -3.28
CA VAL A 525 -5.49 0.22 -4.08
C VAL A 525 -6.73 -0.08 -3.22
N PHE A 526 -6.53 -0.56 -2.00
CA PHE A 526 -7.63 -0.91 -1.08
C PHE A 526 -8.53 0.30 -0.77
N VAL A 527 -7.89 1.41 -0.35
CA VAL A 527 -8.62 2.61 0.02
C VAL A 527 -9.40 3.18 -1.17
N ILE A 528 -8.78 3.30 -2.34
CA ILE A 528 -9.46 3.87 -3.50
C ILE A 528 -10.58 2.95 -3.97
N ALA A 529 -10.27 1.68 -4.13
CA ALA A 529 -11.24 0.61 -4.29
C ALA A 529 -12.45 0.79 -3.39
N ALA A 530 -12.22 1.05 -2.10
CA ALA A 530 -13.30 1.28 -1.12
C ALA A 530 -14.24 2.45 -1.50
N LEU A 531 -13.66 3.52 -2.03
CA LEU A 531 -14.41 4.73 -2.34
C LEU A 531 -15.22 4.54 -3.59
N LEU A 532 -14.60 3.92 -4.59
CA LEU A 532 -15.30 3.62 -5.84
C LEU A 532 -16.62 2.91 -5.55
N GLU A 533 -16.56 1.87 -4.72
CA GLU A 533 -17.73 1.15 -4.17
C GLU A 533 -18.52 2.15 -3.23
N ALA A 534 -19.05 3.26 -3.79
CA ALA A 534 -19.46 4.46 -2.98
C ALA A 534 -20.72 4.22 -2.16
C1 GLC B . 14.25 0.05 -1.02
C2 GLC B . 14.99 -0.25 0.30
C3 GLC B . 14.02 -0.47 1.48
C4 GLC B . 13.01 0.67 1.57
C5 GLC B . 12.38 1.03 0.19
C6 GLC B . 11.48 2.28 0.27
O1 GLC B . 13.54 -1.12 -1.46
O2 GLC B . 15.81 -1.38 0.07
O3 GLC B . 14.68 -0.60 2.73
O4 GLC B . 12.05 0.35 2.56
O5 GLC B . 13.38 1.17 -0.83
O6 GLC B . 12.17 3.51 0.30
C2 BGC B . 10.85 1.19 4.49
C3 BGC B . 10.90 2.22 5.61
C4 BGC B . 12.22 2.09 6.34
C5 BGC B . 13.35 2.28 5.34
C6 BGC B . 14.73 2.29 6.00
C1 BGC B . 12.08 1.34 3.59
O2 BGC B . 9.64 1.28 3.75
O3 BGC B . 9.83 2.06 6.52
O4 BGC B . 12.30 3.06 7.36
O5 BGC B . 13.28 1.26 4.34
O6 BGC B . 14.95 1.06 6.64
C2 BGC C . 19.11 3.33 -2.92
C3 BGC C . 17.61 3.21 -2.59
C4 BGC C . 17.43 2.55 -1.22
C5 BGC C . 18.24 3.32 -0.16
C6 BGC C . 17.99 2.66 1.22
C1 BGC C . 19.95 3.98 -1.82
O1 BGC C . 21.33 3.83 -2.15
O2 BGC C . 19.22 4.09 -4.10
O3 BGC C . 16.96 2.55 -3.66
O4 BGC C . 16.08 2.48 -0.80
O5 BGC C . 19.63 3.41 -0.54
O6 BGC C . 18.98 2.89 2.19
CA CA D . 6.92 -7.27 13.93
ZN ZN E . 13.87 -8.02 -12.33
CO CO F . 12.19 8.16 -17.39
CO CO G . 20.33 6.63 -20.57
#